data_4YQC
#
_entry.id   4YQC
#
_cell.length_a   94.182
_cell.length_b   94.182
_cell.length_c   177.635
_cell.angle_alpha   90.000
_cell.angle_beta   90.000
_cell.angle_gamma   120.000
#
_symmetry.space_group_name_H-M   'H 3 2'
#
loop_
_entity.id
_entity.type
_entity.pdbx_description
1 polymer 'tRNA (guanine-N(1)-)-methyltransferase'
2 non-polymer 6-{[(1R,3R)-3-hydroxycyclopentyl]amino}pyridine-3-carboxamide
3 water water
#
_entity_poly.entity_id   1
_entity_poly.type   'polypeptide(L)'
_entity_poly.pdbx_seq_one_letter_code
;GLVPRGSHMWIGVISLFPEMFKAITEFGVTGRAVKHNLLKVECWNPRDFTFDKHKTVDDRPYGGGPGMLMMVQPLRDAIH
TAKAAAGEGAKVIYLSPQGRKLDQGGVTELAQNQKLILVCGRYEGIDERLIQTEIDEEWSIGDYVLTGGELPAMTLIDAV
ARFIPGVLGKQASAEEDSFADGLLDCPHYTRPEVLEGLTVPPVLMSGHHEEIRKWRLKQSLQRTWLRRPELLEGLALTDE
QRKLLKEAQAEHNS
;
_entity_poly.pdbx_strand_id   A
#
# COMPACT_ATOMS: atom_id res chain seq x y z
N SER A 7 14.42 -13.35 3.02
CA SER A 7 12.97 -13.54 2.89
C SER A 7 12.41 -12.66 1.77
N HIS A 8 12.85 -12.91 0.54
CA HIS A 8 12.44 -12.08 -0.58
C HIS A 8 10.97 -12.30 -0.94
N MET A 9 10.45 -11.39 -1.74
CA MET A 9 9.05 -11.42 -2.12
C MET A 9 8.94 -11.38 -3.64
N TRP A 10 8.05 -12.18 -4.19
CA TRP A 10 7.77 -12.16 -5.63
C TRP A 10 6.35 -11.67 -5.86
N ILE A 11 6.21 -10.67 -6.71
CA ILE A 11 4.89 -10.14 -6.97
C ILE A 11 4.64 -10.15 -8.47
N GLY A 12 3.62 -10.92 -8.86
CA GLY A 12 3.17 -10.95 -10.23
C GLY A 12 2.13 -9.85 -10.40
N VAL A 13 2.14 -9.20 -11.56
CA VAL A 13 1.24 -8.10 -11.82
C VAL A 13 0.56 -8.30 -13.15
N ILE A 14 -0.77 -8.16 -13.16
CA ILE A 14 -1.52 -8.17 -14.41
C ILE A 14 -1.98 -6.74 -14.69
N SER A 15 -1.52 -6.18 -15.80
CA SER A 15 -1.80 -4.77 -16.11
C SER A 15 -1.66 -4.46 -17.58
N LEU A 16 -2.58 -3.63 -18.09
CA LEU A 16 -2.50 -3.09 -19.44
C LEU A 16 -1.39 -2.04 -19.60
N PHE A 17 -0.85 -1.58 -18.48
CA PHE A 17 0.22 -0.58 -18.49
C PHE A 17 1.39 -0.94 -17.59
N PRO A 18 2.09 -2.03 -17.94
CA PRO A 18 3.17 -2.52 -17.08
C PRO A 18 4.29 -1.50 -16.88
N GLU A 19 4.47 -0.58 -17.83
CA GLU A 19 5.54 0.41 -17.69
C GLU A 19 5.29 1.38 -16.54
N MET A 20 4.04 1.46 -16.05
CA MET A 20 3.77 2.29 -14.87
C MET A 20 4.58 1.82 -13.67
N PHE A 21 4.84 0.51 -13.62
CA PHE A 21 5.50 -0.07 -12.45
C PHE A 21 6.98 0.28 -12.35
N LYS A 22 7.55 0.86 -13.40
CA LYS A 22 8.88 1.45 -13.30
C LYS A 22 8.97 2.48 -12.17
N ALA A 23 7.84 3.09 -11.84
CA ALA A 23 7.82 4.10 -10.77
C ALA A 23 8.30 3.46 -9.46
N ILE A 24 8.00 2.18 -9.24
CA ILE A 24 8.55 1.59 -8.02
C ILE A 24 9.78 0.73 -8.29
N THR A 25 9.91 0.14 -9.48
CA THR A 25 11.04 -0.76 -9.69
C THR A 25 12.34 -0.04 -10.05
N GLU A 26 12.26 1.22 -10.45
CA GLU A 26 13.47 1.93 -10.90
C GLU A 26 13.94 3.03 -9.95
N PHE A 27 13.19 3.32 -8.90
CA PHE A 27 13.49 4.49 -8.07
C PHE A 27 13.45 4.23 -6.58
N GLY A 28 14.36 4.88 -5.86
CA GLY A 28 14.31 4.92 -4.42
C GLY A 28 14.54 3.58 -3.75
N VAL A 29 14.04 3.47 -2.53
CA VAL A 29 14.17 2.27 -1.71
C VAL A 29 13.63 1.02 -2.41
N THR A 30 12.47 1.13 -3.03
CA THR A 30 11.90 -0.02 -3.72
C THR A 30 12.72 -0.36 -4.96
N GLY A 31 13.26 0.65 -5.62
CA GLY A 31 14.14 0.44 -6.77
C GLY A 31 15.36 -0.36 -6.36
N ARG A 32 15.93 0.01 -5.22
CA ARG A 32 17.08 -0.71 -4.70
C ARG A 32 16.72 -2.16 -4.34
N ALA A 33 15.54 -2.34 -3.75
CA ALA A 33 15.09 -3.68 -3.39
C ALA A 33 15.01 -4.59 -4.62
N VAL A 34 14.53 -4.03 -5.73
CA VAL A 34 14.43 -4.80 -6.98
C VAL A 34 15.82 -5.11 -7.54
N LYS A 35 16.69 -4.10 -7.57
CA LYS A 35 18.05 -4.28 -8.07
C LYS A 35 18.80 -5.35 -7.27
N HIS A 36 18.58 -5.37 -5.96
CA HIS A 36 19.26 -6.31 -5.06
C HIS A 36 18.55 -7.66 -4.92
N ASN A 37 17.52 -7.89 -5.73
CA ASN A 37 16.76 -9.15 -5.73
C ASN A 37 16.05 -9.48 -4.41
N LEU A 38 15.75 -8.45 -3.63
CA LEU A 38 14.94 -8.63 -2.43
C LEU A 38 13.47 -8.65 -2.80
N LEU A 39 13.15 -7.93 -3.87
CA LEU A 39 11.80 -7.82 -4.38
C LEU A 39 11.84 -8.10 -5.86
N LYS A 40 10.95 -8.96 -6.33
CA LYS A 40 10.84 -9.25 -7.73
C LYS A 40 9.44 -8.87 -8.20
N VAL A 41 9.36 -8.02 -9.21
CA VAL A 41 8.07 -7.65 -9.77
C VAL A 41 8.04 -8.09 -11.22
N GLU A 42 7.06 -8.92 -11.56
CA GLU A 42 6.95 -9.47 -12.91
C GLU A 42 5.56 -9.18 -13.48
N CYS A 43 5.51 -8.60 -14.67
CA CYS A 43 4.24 -8.12 -15.24
C CYS A 43 3.79 -8.91 -16.46
N TRP A 44 2.48 -9.15 -16.53
CA TRP A 44 1.84 -9.71 -17.72
C TRP A 44 0.77 -8.73 -18.20
N ASN A 45 0.77 -8.47 -19.50
CA ASN A 45 -0.17 -7.53 -20.13
C ASN A 45 -1.25 -8.28 -20.92
N PRO A 46 -2.53 -8.14 -20.53
CA PRO A 46 -3.61 -8.79 -21.28
C PRO A 46 -3.55 -8.53 -22.78
N ARG A 47 -3.00 -7.39 -23.18
CA ARG A 47 -2.88 -7.06 -24.59
CA ARG A 47 -2.93 -7.10 -24.60
C ARG A 47 -2.09 -8.12 -25.33
N ASP A 48 -1.10 -8.70 -24.65
CA ASP A 48 -0.27 -9.71 -25.26
C ASP A 48 -1.00 -11.06 -25.45
N PHE A 49 -2.16 -11.20 -24.83
CA PHE A 49 -2.92 -12.45 -24.91
C PHE A 49 -4.13 -12.33 -25.83
N THR A 50 -4.20 -11.22 -26.57
CA THR A 50 -5.26 -11.04 -27.56
C THR A 50 -4.90 -11.75 -28.86
N PHE A 51 -5.91 -12.03 -29.67
CA PHE A 51 -5.68 -12.67 -30.97
C PHE A 51 -6.26 -11.89 -32.15
N ASP A 52 -7.06 -10.86 -31.90
CA ASP A 52 -7.62 -10.14 -33.05
C ASP A 52 -6.60 -9.09 -33.53
N LYS A 53 -6.79 -8.63 -34.76
CA LYS A 53 -5.86 -7.70 -35.41
C LYS A 53 -5.64 -6.43 -34.58
N HIS A 54 -6.67 -5.95 -33.91
CA HIS A 54 -6.53 -4.69 -33.19
C HIS A 54 -6.29 -4.87 -31.70
N LYS A 55 -5.98 -6.10 -31.30
CA LYS A 55 -5.55 -6.40 -29.93
C LYS A 55 -6.50 -5.82 -28.89
N THR A 56 -7.76 -6.22 -29.01
CA THR A 56 -8.84 -5.62 -28.23
C THR A 56 -8.83 -6.14 -26.80
N VAL A 57 -8.83 -5.23 -25.83
CA VAL A 57 -8.76 -5.65 -24.44
C VAL A 57 -9.97 -5.21 -23.63
N ASP A 58 -10.93 -4.56 -24.28
CA ASP A 58 -12.16 -4.21 -23.58
C ASP A 58 -13.37 -4.87 -24.24
N ASP A 59 -14.52 -4.79 -23.57
CA ASP A 59 -15.74 -5.44 -24.06
C ASP A 59 -16.95 -4.77 -23.43
N ARG A 60 -18.11 -4.94 -24.04
CA ARG A 60 -19.32 -4.23 -23.63
C ARG A 60 -20.00 -4.92 -22.46
N PRO A 61 -20.49 -4.15 -21.49
CA PRO A 61 -21.17 -4.74 -20.34
C PRO A 61 -22.56 -5.25 -20.71
N TYR A 62 -22.90 -6.44 -20.28
CA TYR A 62 -24.28 -6.89 -20.39
C TYR A 62 -25.15 -5.94 -19.58
N GLY A 63 -26.31 -5.61 -20.12
CA GLY A 63 -27.25 -4.74 -19.41
C GLY A 63 -27.05 -3.29 -19.80
N GLY A 64 -26.06 -3.04 -20.64
CA GLY A 64 -25.76 -1.70 -21.08
C GLY A 64 -25.08 -0.89 -19.99
N GLY A 65 -25.03 0.41 -20.19
CA GLY A 65 -24.29 1.27 -19.31
C GLY A 65 -23.32 2.07 -20.15
N PRO A 66 -22.74 3.11 -19.57
CA PRO A 66 -21.88 4.04 -20.33
C PRO A 66 -20.53 3.44 -20.70
N GLY A 67 -19.91 2.73 -19.75
CA GLY A 67 -18.52 2.34 -19.91
C GLY A 67 -18.28 0.96 -20.52
N MET A 68 -17.02 0.56 -20.48
CA MET A 68 -16.61 -0.76 -20.96
C MET A 68 -16.02 -1.54 -19.79
N LEU A 69 -15.88 -2.84 -19.97
CA LEU A 69 -15.20 -3.68 -19.01
C LEU A 69 -13.97 -4.27 -19.64
N MET A 70 -13.06 -4.78 -18.82
CA MET A 70 -11.96 -5.54 -19.41
CA MET A 70 -11.96 -5.61 -19.32
C MET A 70 -12.53 -6.81 -20.05
N MET A 71 -12.03 -7.10 -21.23
CA MET A 71 -12.45 -8.28 -21.98
C MET A 71 -12.00 -9.52 -21.21
N VAL A 72 -12.86 -10.52 -21.11
CA VAL A 72 -12.56 -11.66 -20.25
C VAL A 72 -11.39 -12.52 -20.74
N GLN A 73 -11.42 -12.93 -22.00
CA GLN A 73 -10.44 -13.92 -22.48
C GLN A 73 -8.96 -13.45 -22.32
N PRO A 74 -8.61 -12.24 -22.79
CA PRO A 74 -7.20 -11.86 -22.61
C PRO A 74 -6.80 -11.73 -21.15
N LEU A 75 -7.71 -11.24 -20.31
CA LEU A 75 -7.40 -11.04 -18.89
C LEU A 75 -7.26 -12.36 -18.16
N ARG A 76 -8.20 -13.26 -18.44
CA ARG A 76 -8.18 -14.60 -17.87
C ARG A 76 -6.89 -15.35 -18.25
N ASP A 77 -6.52 -15.29 -19.53
CA ASP A 77 -5.31 -15.97 -19.98
C ASP A 77 -4.05 -15.37 -19.32
N ALA A 78 -4.02 -14.05 -19.17
CA ALA A 78 -2.87 -13.42 -18.52
C ALA A 78 -2.77 -13.91 -17.08
N ILE A 79 -3.91 -13.94 -16.39
CA ILE A 79 -3.94 -14.40 -15.02
C ILE A 79 -3.46 -15.85 -14.90
N HIS A 80 -3.93 -16.71 -15.79
CA HIS A 80 -3.51 -18.10 -15.76
C HIS A 80 -2.01 -18.23 -15.97
N THR A 81 -1.47 -17.40 -16.85
CA THR A 81 -0.03 -17.43 -17.13
C THR A 81 0.77 -16.99 -15.90
N ALA A 82 0.31 -15.94 -15.22
CA ALA A 82 0.96 -15.50 -14.00
C ALA A 82 0.90 -16.58 -12.90
N LYS A 83 -0.23 -17.27 -12.81
CA LYS A 83 -0.40 -18.31 -11.79
C LYS A 83 0.55 -19.48 -12.05
N ALA A 84 0.75 -19.79 -13.32
CA ALA A 84 1.68 -20.87 -13.68
C ALA A 84 3.11 -20.49 -13.35
N ALA A 85 3.47 -19.24 -13.62
CA ALA A 85 4.82 -18.75 -13.30
C ALA A 85 5.04 -18.72 -11.79
N ALA A 86 3.99 -18.46 -11.03
CA ALA A 86 4.11 -18.29 -9.60
C ALA A 86 4.32 -19.62 -8.90
N GLY A 87 3.74 -20.67 -9.45
CA GLY A 87 3.74 -21.96 -8.81
C GLY A 87 2.75 -21.95 -7.68
N GLU A 88 2.89 -22.89 -6.74
CA GLU A 88 1.94 -23.02 -5.65
C GLU A 88 2.14 -21.97 -4.57
N GLY A 89 1.06 -21.59 -3.91
CA GLY A 89 1.13 -20.72 -2.75
C GLY A 89 0.98 -19.22 -3.00
N ALA A 90 0.69 -18.83 -4.22
CA ALA A 90 0.52 -17.40 -4.53
C ALA A 90 -0.92 -16.96 -4.29
N LYS A 91 -1.07 -15.90 -3.52
CA LYS A 91 -2.37 -15.32 -3.26
C LYS A 91 -2.70 -14.32 -4.35
N VAL A 92 -3.87 -14.47 -4.98
CA VAL A 92 -4.27 -13.58 -6.08
C VAL A 92 -5.18 -12.48 -5.56
N ILE A 93 -4.80 -11.24 -5.79
CA ILE A 93 -5.51 -10.10 -5.24
C ILE A 93 -6.01 -9.19 -6.35
N TYR A 94 -7.28 -8.77 -6.25
CA TYR A 94 -7.83 -7.77 -7.17
C TYR A 94 -7.97 -6.43 -6.45
N LEU A 95 -7.47 -5.36 -7.07
CA LEU A 95 -7.54 -4.03 -6.45
C LEU A 95 -8.83 -3.32 -6.85
N SER A 96 -9.64 -2.95 -5.86
CA SER A 96 -10.87 -2.23 -6.16
C SER A 96 -11.43 -1.55 -4.93
N PRO A 97 -12.28 -0.52 -5.11
CA PRO A 97 -12.93 0.16 -3.99
C PRO A 97 -13.90 -0.76 -3.22
N GLN A 98 -14.26 -1.90 -3.80
CA GLN A 98 -15.15 -2.85 -3.14
C GLN A 98 -14.39 -3.79 -2.22
N GLY A 99 -13.06 -3.65 -2.17
CA GLY A 99 -12.24 -4.57 -1.41
C GLY A 99 -12.07 -4.21 0.04
N ARG A 100 -11.41 -5.09 0.79
CA ARG A 100 -11.05 -4.79 2.17
C ARG A 100 -10.15 -3.57 2.21
N LYS A 101 -10.47 -2.60 3.06
CA LYS A 101 -9.69 -1.37 3.09
C LYS A 101 -8.32 -1.61 3.72
N LEU A 102 -7.28 -1.24 2.99
CA LEU A 102 -5.92 -1.43 3.47
C LEU A 102 -5.58 -0.51 4.64
N ASP A 103 -4.96 -1.07 5.67
CA ASP A 103 -4.34 -0.30 6.74
C ASP A 103 -3.05 -1.01 7.14
N GLN A 104 -2.30 -0.47 8.10
CA GLN A 104 -0.97 -1.01 8.36
C GLN A 104 -1.04 -2.44 8.89
N GLY A 105 -2.10 -2.77 9.62
CA GLY A 105 -2.29 -4.14 10.05
C GLY A 105 -2.50 -5.07 8.86
N GLY A 106 -3.27 -4.60 7.89
CA GLY A 106 -3.48 -5.36 6.68
C GLY A 106 -2.21 -5.52 5.87
N VAL A 107 -1.37 -4.48 5.85
CA VAL A 107 -0.09 -4.54 5.17
C VAL A 107 0.78 -5.66 5.76
N THR A 108 0.82 -5.70 7.09
CA THR A 108 1.64 -6.69 7.77
C THR A 108 1.13 -8.10 7.48
N GLU A 109 -0.18 -8.24 7.34
CA GLU A 109 -0.76 -9.53 6.98
C GLU A 109 -0.33 -9.95 5.57
N LEU A 110 -0.46 -9.02 4.64
CA LEU A 110 -0.10 -9.27 3.24
C LEU A 110 1.39 -9.56 3.11
N ALA A 111 2.20 -8.91 3.94
CA ALA A 111 3.64 -9.08 3.86
C ALA A 111 4.08 -10.49 4.32
N GLN A 112 3.17 -11.29 4.86
CA GLN A 112 3.52 -12.66 5.26
C GLN A 112 3.57 -13.60 4.06
N ASN A 113 3.07 -13.12 2.92
CA ASN A 113 3.05 -13.95 1.71
C ASN A 113 4.37 -13.83 0.95
N GLN A 114 4.91 -14.96 0.51
CA GLN A 114 6.14 -14.94 -0.27
C GLN A 114 5.86 -14.60 -1.73
N LYS A 115 4.64 -14.92 -2.17
CA LYS A 115 4.20 -14.65 -3.54
C LYS A 115 2.81 -14.02 -3.55
N LEU A 116 2.66 -12.94 -4.29
CA LEU A 116 1.36 -12.33 -4.56
C LEU A 116 1.18 -12.15 -6.05
N ILE A 117 -0.06 -12.22 -6.52
CA ILE A 117 -0.39 -11.80 -7.88
C ILE A 117 -1.41 -10.67 -7.77
N LEU A 118 -1.11 -9.53 -8.38
CA LEU A 118 -1.99 -8.37 -8.26
C LEU A 118 -2.67 -8.08 -9.59
N VAL A 119 -4.00 -8.13 -9.59
CA VAL A 119 -4.72 -7.90 -10.83
C VAL A 119 -5.21 -6.45 -10.87
N CYS A 120 -4.80 -5.70 -11.90
CA CYS A 120 -5.13 -4.29 -12.01
C CYS A 120 -6.18 -4.09 -13.07
N GLY A 121 -7.34 -3.61 -12.66
CA GLY A 121 -8.42 -3.37 -13.60
C GLY A 121 -8.33 -2.00 -14.24
N ARG A 122 -8.86 -1.89 -15.45
CA ARG A 122 -9.07 -0.61 -16.13
C ARG A 122 -10.53 -0.52 -16.58
N TYR A 123 -10.88 0.57 -17.25
CA TYR A 123 -12.26 0.84 -17.69
C TYR A 123 -13.21 0.77 -16.49
N GLU A 124 -14.35 0.09 -16.62
CA GLU A 124 -15.27 0.06 -15.48
C GLU A 124 -15.03 -1.15 -14.56
N GLY A 125 -14.00 -1.93 -14.86
CA GLY A 125 -13.64 -3.03 -13.99
C GLY A 125 -13.61 -4.37 -14.69
N ILE A 126 -13.77 -5.45 -13.93
CA ILE A 126 -13.70 -6.78 -14.53
C ILE A 126 -14.97 -7.57 -14.26
N ASP A 127 -15.15 -8.65 -15.02
CA ASP A 127 -16.31 -9.50 -14.91
C ASP A 127 -16.38 -10.15 -13.54
N GLU A 128 -17.55 -10.06 -12.91
CA GLU A 128 -17.74 -10.56 -11.56
C GLU A 128 -17.38 -12.05 -11.42
N ARG A 129 -17.59 -12.82 -12.48
CA ARG A 129 -17.31 -14.25 -12.40
C ARG A 129 -15.80 -14.53 -12.34
N LEU A 130 -14.99 -13.61 -12.86
CA LEU A 130 -13.53 -13.75 -12.74
C LEU A 130 -13.10 -13.50 -11.30
N ILE A 131 -13.80 -12.60 -10.63
CA ILE A 131 -13.53 -12.39 -9.20
C ILE A 131 -13.87 -13.70 -8.46
N GLN A 132 -15.01 -14.29 -8.80
CA GLN A 132 -15.40 -15.54 -8.17
C GLN A 132 -14.43 -16.68 -8.45
N THR A 133 -13.95 -16.80 -9.68
CA THR A 133 -13.17 -17.98 -10.08
C THR A 133 -11.64 -17.80 -9.98
N GLU A 134 -11.15 -16.56 -10.01
CA GLU A 134 -9.71 -16.37 -10.11
C GLU A 134 -9.11 -15.60 -8.94
N ILE A 135 -9.93 -14.84 -8.23
CA ILE A 135 -9.40 -13.94 -7.21
C ILE A 135 -9.54 -14.52 -5.81
N ASP A 136 -8.48 -14.46 -5.01
CA ASP A 136 -8.56 -14.93 -3.64
C ASP A 136 -9.08 -13.86 -2.70
N GLU A 137 -8.59 -12.63 -2.87
CA GLU A 137 -8.96 -11.51 -2.00
C GLU A 137 -9.10 -10.21 -2.79
N GLU A 138 -10.09 -9.40 -2.43
CA GLU A 138 -10.22 -8.04 -2.96
C GLU A 138 -9.73 -7.04 -1.92
N TRP A 139 -8.92 -6.09 -2.33
CA TRP A 139 -8.37 -5.09 -1.42
C TRP A 139 -8.54 -3.70 -2.00
N SER A 140 -8.84 -2.72 -1.13
CA SER A 140 -8.88 -1.31 -1.49
C SER A 140 -7.79 -0.54 -0.75
N ILE A 141 -7.21 0.47 -1.39
CA ILE A 141 -6.24 1.32 -0.67
C ILE A 141 -6.94 2.52 -0.02
N GLY A 142 -8.24 2.65 -0.23
CA GLY A 142 -8.97 3.77 0.36
C GLY A 142 -10.31 4.02 -0.32
N ASP A 143 -11.18 4.78 0.34
CA ASP A 143 -12.54 4.99 -0.18
C ASP A 143 -12.59 6.09 -1.22
N TYR A 144 -11.96 5.85 -2.35
CA TYR A 144 -11.96 6.80 -3.48
C TYR A 144 -11.77 6.05 -4.78
N VAL A 145 -12.13 6.69 -5.88
CA VAL A 145 -12.15 6.02 -7.18
C VAL A 145 -11.04 6.53 -8.07
N LEU A 146 -10.30 5.60 -8.67
CA LEU A 146 -9.20 5.92 -9.57
C LEU A 146 -9.46 5.38 -10.97
N THR A 147 -8.64 5.80 -11.93
CA THR A 147 -8.83 5.37 -13.30
C THR A 147 -8.33 3.94 -13.54
N GLY A 148 -7.56 3.40 -12.61
CA GLY A 148 -7.01 2.06 -12.77
C GLY A 148 -6.48 1.49 -11.46
N GLY A 149 -6.33 0.17 -11.45
CA GLY A 149 -5.82 -0.49 -10.26
C GLY A 149 -4.30 -0.45 -10.08
N GLU A 150 -3.58 0.14 -11.02
CA GLU A 150 -2.12 0.14 -10.97
C GLU A 150 -1.54 0.95 -9.79
N LEU A 151 -2.04 2.16 -9.58
CA LEU A 151 -1.54 2.94 -8.44
C LEU A 151 -1.88 2.23 -7.12
N PRO A 152 -3.09 1.64 -6.99
CA PRO A 152 -3.30 0.83 -5.79
C PRO A 152 -2.34 -0.36 -5.66
N ALA A 153 -2.06 -1.04 -6.76
CA ALA A 153 -1.12 -2.16 -6.71
C ALA A 153 0.26 -1.69 -6.29
N MET A 154 0.71 -0.56 -6.81
CA MET A 154 2.05 -0.07 -6.48
C MET A 154 2.13 0.36 -5.04
N THR A 155 1.04 0.95 -4.58
CA THR A 155 0.92 1.36 -3.18
C THR A 155 1.05 0.13 -2.28
N LEU A 156 0.36 -0.94 -2.62
CA LEU A 156 0.41 -2.17 -1.85
C LEU A 156 1.83 -2.73 -1.85
N ILE A 157 2.45 -2.77 -3.03
CA ILE A 157 3.80 -3.29 -3.18
C ILE A 157 4.78 -2.49 -2.32
N ASP A 158 4.70 -1.17 -2.41
CA ASP A 158 5.60 -0.31 -1.64
C ASP A 158 5.43 -0.59 -0.14
N ALA A 159 4.18 -0.63 0.32
CA ALA A 159 3.91 -0.82 1.75
C ALA A 159 4.44 -2.16 2.27
N VAL A 160 4.25 -3.23 1.51
CA VAL A 160 4.73 -4.54 1.97
C VAL A 160 6.24 -4.68 1.82
N ALA A 161 6.81 -4.03 0.82
CA ALA A 161 8.25 -4.07 0.59
C ALA A 161 9.01 -3.61 1.81
N ARG A 162 8.43 -2.67 2.56
CA ARG A 162 9.08 -2.14 3.77
C ARG A 162 9.29 -3.23 4.81
N PHE A 163 8.59 -4.36 4.68
CA PHE A 163 8.72 -5.44 5.65
C PHE A 163 9.70 -6.53 5.23
N ILE A 164 10.23 -6.41 4.03
CA ILE A 164 11.21 -7.36 3.54
C ILE A 164 12.55 -7.06 4.17
N PRO A 165 13.21 -8.07 4.76
CA PRO A 165 14.49 -7.84 5.41
C PRO A 165 15.51 -7.25 4.44
N GLY A 166 16.17 -6.18 4.84
CA GLY A 166 17.22 -5.59 4.02
C GLY A 166 16.76 -4.44 3.15
N VAL A 167 15.44 -4.27 3.06
CA VAL A 167 14.92 -3.21 2.21
C VAL A 167 15.11 -1.84 2.88
N LEU A 168 14.79 -1.75 4.16
CA LEU A 168 15.01 -0.51 4.91
C LEU A 168 16.39 -0.49 5.55
N GLY A 169 16.88 0.70 5.84
CA GLY A 169 18.21 0.86 6.43
C GLY A 169 18.24 0.48 7.90
N ASP A 181 3.31 1.73 15.85
CA ASP A 181 2.64 1.11 16.99
C ASP A 181 1.25 1.69 17.20
N GLY A 182 0.62 2.12 16.11
CA GLY A 182 -0.75 2.57 16.17
C GLY A 182 -0.93 4.06 16.36
N LEU A 183 0.16 4.79 16.59
CA LEU A 183 0.10 6.23 16.79
C LEU A 183 0.61 7.00 15.57
N LEU A 184 0.09 8.22 15.37
CA LEU A 184 0.69 9.12 14.38
C LEU A 184 2.13 9.43 14.76
N ASP A 185 2.93 9.74 13.75
CA ASP A 185 4.35 10.07 13.91
C ASP A 185 4.54 11.36 14.72
N CYS A 186 5.68 11.50 15.39
CA CYS A 186 6.04 12.74 16.07
C CYS A 186 6.63 13.74 15.08
N PRO A 187 6.67 15.04 15.44
CA PRO A 187 7.33 16.03 14.59
C PRO A 187 8.82 15.74 14.50
N HIS A 188 9.43 16.10 13.37
CA HIS A 188 10.85 15.90 13.16
C HIS A 188 11.50 17.23 12.84
N TYR A 189 12.76 17.39 13.25
CA TYR A 189 13.49 18.64 12.99
C TYR A 189 14.89 18.35 12.50
N THR A 190 15.38 19.20 11.61
CA THR A 190 16.77 19.13 11.17
C THR A 190 17.29 20.57 11.03
N ARG A 191 18.49 20.74 10.49
CA ARG A 191 19.08 22.08 10.40
C ARG A 191 18.22 22.98 9.51
N PRO A 192 18.16 24.28 9.78
CA PRO A 192 18.90 25.02 10.82
C PRO A 192 18.19 25.10 12.18
N GLU A 193 18.94 25.56 13.18
CA GLU A 193 18.38 25.63 14.53
C GLU A 193 17.17 26.57 14.58
N VAL A 194 17.20 27.62 13.76
CA VAL A 194 16.07 28.55 13.67
C VAL A 194 15.66 28.74 12.22
N LEU A 195 14.37 28.58 11.96
CA LEU A 195 13.84 28.65 10.61
C LEU A 195 12.60 29.55 10.59
N GLU A 196 12.70 30.65 9.88
CA GLU A 196 11.71 31.73 9.92
C GLU A 196 11.20 32.01 11.34
N GLY A 197 12.14 32.13 12.28
CA GLY A 197 11.84 32.49 13.65
C GLY A 197 11.44 31.33 14.54
N LEU A 198 11.25 30.17 13.92
CA LEU A 198 10.84 28.97 14.65
C LEU A 198 12.04 28.15 15.09
N THR A 199 12.11 27.89 16.38
CA THR A 199 13.26 27.21 16.96
C THR A 199 13.00 25.71 17.11
N VAL A 200 14.06 24.93 17.11
CA VAL A 200 13.98 23.52 17.46
C VAL A 200 13.71 23.39 18.96
N PRO A 201 12.75 22.54 19.37
CA PRO A 201 12.52 22.25 20.78
C PRO A 201 13.82 21.86 21.50
N PRO A 202 14.17 22.60 22.56
CA PRO A 202 15.45 22.42 23.27
C PRO A 202 15.71 20.98 23.70
N VAL A 203 14.69 20.23 24.08
CA VAL A 203 14.89 18.84 24.49
C VAL A 203 15.62 18.02 23.44
N LEU A 204 15.35 18.31 22.17
CA LEU A 204 16.00 17.60 21.06
C LEU A 204 17.47 17.96 20.94
N MET A 205 17.87 19.09 21.53
CA MET A 205 19.28 19.51 21.53
C MET A 205 20.01 19.05 22.78
N SER A 206 19.27 18.50 23.74
CA SER A 206 19.79 18.21 25.07
C SER A 206 20.76 17.03 25.12
N GLY A 207 20.58 16.08 24.21
CA GLY A 207 21.37 14.86 24.25
C GLY A 207 20.85 13.87 25.29
N HIS A 208 19.77 14.24 25.97
CA HIS A 208 19.15 13.36 26.96
C HIS A 208 18.24 12.36 26.25
N HIS A 209 18.77 11.18 25.97
CA HIS A 209 18.07 10.20 25.13
C HIS A 209 16.70 9.78 25.69
N GLU A 210 16.62 9.63 27.01
CA GLU A 210 15.36 9.24 27.63
C GLU A 210 14.32 10.36 27.57
N GLU A 211 14.76 11.59 27.83
CA GLU A 211 13.87 12.74 27.70
C GLU A 211 13.36 12.91 26.27
N ILE A 212 14.25 12.70 25.31
CA ILE A 212 13.88 12.80 23.90
C ILE A 212 12.86 11.72 23.52
N ARG A 213 13.11 10.49 23.98
CA ARG A 213 12.17 9.40 23.73
C ARG A 213 10.76 9.75 24.22
N LYS A 214 10.68 10.22 25.46
CA LYS A 214 9.41 10.53 26.09
C LYS A 214 8.73 11.73 25.41
N TRP A 215 9.51 12.73 25.05
CA TRP A 215 8.96 13.86 24.30
C TRP A 215 8.33 13.40 22.99
N ARG A 216 9.06 12.57 22.24
CA ARG A 216 8.54 12.08 20.96
C ARG A 216 7.27 11.28 21.16
N LEU A 217 7.25 10.44 22.18
CA LEU A 217 6.09 9.61 22.47
C LEU A 217 4.88 10.46 22.88
N LYS A 218 5.13 11.45 23.73
CA LYS A 218 4.08 12.37 24.14
C LYS A 218 3.52 13.14 22.94
N GLN A 219 4.40 13.58 22.04
CA GLN A 219 3.95 14.26 20.82
C GLN A 219 3.06 13.38 19.95
N SER A 220 3.47 12.13 19.75
CA SER A 220 2.68 11.17 18.98
C SER A 220 1.30 10.98 19.61
N LEU A 221 1.28 10.81 20.92
CA LEU A 221 0.02 10.65 21.63
C LEU A 221 -0.85 11.90 21.48
N GLN A 222 -0.25 13.08 21.66
CA GLN A 222 -1.00 14.33 21.52
C GLN A 222 -1.56 14.50 20.11
N ARG A 223 -0.72 14.26 19.11
CA ARG A 223 -1.14 14.42 17.72
CA ARG A 223 -1.13 14.42 17.71
C ARG A 223 -2.21 13.41 17.33
N THR A 224 -2.09 12.19 17.82
CA THR A 224 -3.10 11.17 17.56
C THR A 224 -4.44 11.59 18.17
N TRP A 225 -4.39 12.07 19.41
CA TRP A 225 -5.59 12.51 20.11
C TRP A 225 -6.26 13.70 19.41
N LEU A 226 -5.47 14.67 18.99
CA LEU A 226 -6.03 15.86 18.35
C LEU A 226 -6.54 15.59 16.93
N ARG A 227 -5.80 14.79 16.17
CA ARG A 227 -6.14 14.60 14.75
C ARG A 227 -6.98 13.37 14.47
N ARG A 228 -6.70 12.29 15.19
CA ARG A 228 -7.32 11.00 14.91
C ARG A 228 -7.71 10.29 16.19
N PRO A 229 -8.61 10.89 16.98
CA PRO A 229 -8.88 10.36 18.33
C PRO A 229 -9.45 8.94 18.29
N GLU A 230 -10.08 8.58 17.17
CA GLU A 230 -10.65 7.24 17.05
C GLU A 230 -9.56 6.17 17.08
N LEU A 231 -8.36 6.50 16.60
CA LEU A 231 -7.26 5.55 16.59
C LEU A 231 -6.86 5.13 18.01
N LEU A 232 -7.07 6.01 18.98
CA LEU A 232 -6.71 5.71 20.37
C LEU A 232 -7.63 4.67 20.99
N GLU A 233 -8.89 4.64 20.55
CA GLU A 233 -9.86 3.68 21.04
C GLU A 233 -9.41 2.24 20.80
N GLY A 234 -8.63 2.03 19.75
CA GLY A 234 -8.23 0.69 19.36
C GLY A 234 -6.97 0.22 20.06
N LEU A 235 -6.46 1.06 20.94
CA LEU A 235 -5.18 0.78 21.60
C LEU A 235 -5.35 0.48 23.09
N ALA A 236 -4.50 -0.39 23.58
CA ALA A 236 -4.34 -0.62 25.01
C ALA A 236 -3.08 0.11 25.42
N LEU A 237 -3.22 1.35 25.85
CA LEU A 237 -2.07 2.17 26.17
C LEU A 237 -1.27 1.61 27.34
N THR A 238 0.06 1.72 27.26
CA THR A 238 0.89 1.38 28.40
C THR A 238 0.68 2.41 29.51
N ASP A 239 1.10 2.08 30.73
CA ASP A 239 1.04 3.03 31.84
C ASP A 239 1.74 4.33 31.45
N GLU A 240 2.89 4.21 30.80
CA GLU A 240 3.64 5.39 30.40
C GLU A 240 2.87 6.22 29.38
N GLN A 241 2.23 5.55 28.43
CA GLN A 241 1.46 6.25 27.41
C GLN A 241 0.24 6.93 28.01
N ARG A 242 -0.42 6.26 28.96
CA ARG A 242 -1.56 6.89 29.65
C ARG A 242 -1.13 8.16 30.37
N LYS A 243 0.03 8.10 31.03
CA LYS A 243 0.55 9.25 31.76
C LYS A 243 0.86 10.40 30.80
N LEU A 244 1.61 10.13 29.74
CA LEU A 244 2.01 11.19 28.81
C LEU A 244 0.81 11.77 28.07
N LEU A 245 -0.17 10.93 27.73
CA LEU A 245 -1.38 11.43 27.08
C LEU A 245 -2.17 12.35 28.02
N LYS A 246 -2.31 11.93 29.28
CA LYS A 246 -2.94 12.78 30.30
C LYS A 246 -2.22 14.12 30.41
N GLU A 247 -0.89 14.09 30.43
CA GLU A 247 -0.11 15.33 30.50
C GLU A 247 -0.40 16.23 29.31
N ALA A 248 -0.40 15.65 28.11
CA ALA A 248 -0.63 16.40 26.88
C ALA A 248 -2.02 17.04 26.89
N GLN A 249 -3.01 16.28 27.32
CA GLN A 249 -4.38 16.78 27.39
C GLN A 249 -4.54 17.88 28.43
N ALA A 250 -3.82 17.78 29.55
CA ALA A 250 -3.87 18.84 30.56
C ALA A 250 -3.22 20.13 30.04
N GLU A 251 -2.10 19.99 29.34
CA GLU A 251 -1.43 21.13 28.76
C GLU A 251 -2.29 21.78 27.67
N HIS A 252 -3.00 20.96 26.92
CA HIS A 252 -3.87 21.47 25.87
C HIS A 252 -5.01 22.28 26.46
N ASN A 253 -5.55 21.82 27.57
CA ASN A 253 -6.59 22.54 28.30
C ASN A 253 -5.99 23.66 29.16
N SER A 254 -4.76 24.05 28.81
CA SER A 254 -4.00 25.08 29.50
C SER A 254 -3.84 24.75 30.98
#